data_4QYR
#
_entry.id   4QYR
#
_cell.length_a   145.418
_cell.length_b   145.418
_cell.length_c   67.718
_cell.angle_alpha   90.00
_cell.angle_beta   90.00
_cell.angle_gamma   120.00
#
_symmetry.space_group_name_H-M   'P 31 2 1'
#
loop_
_entity.id
_entity.type
_entity.pdbx_description
1 polymer 'AT-less polyketide synthase'
2 non-polymer GLYCEROL
3 non-polymer 'ACETIC ACID'
4 non-polymer 'CHLORIDE ION'
5 water water
#
_entity_poly.entity_id   1
_entity_poly.type   'polypeptide(L)'
_entity_poly.pdbx_seq_one_letter_code
;SNAPDDDAVAIVGAAGRFPGADDLDTFWQQLRAGEDLIADYPGDRFDGGPYAEVVARADFPKFAGRIEGVDRFDADFFHL
SRLEAEL(MSE)DPQHRLALETVWAALENGGYAPARLPENTGVYFGVSGSDYHHLLNASGVAPDGFTATGNAHS(MSE)L
ANRISYVLDVHGPSEPVDTACSSSLVALHRAVEHIRSGRCE(MSE)AIAGGVNLLLSVDTFAATH(MSE)AG(MSE)LSP
DGRCKTFSAGADGYVRSEGVAAVLLKPLAQAQRDGDAIWGVVRGSAENHGGRAGSLTAPNGKAQAALIQDA(MSE)RGID
PDSIGYVEAHGTGTGLGDPVEVNALDSAYRALRTAEGGPPHAARPCALGSVKTNIGHAESAAGLAGVLKVLLA(MSE)RH
RELPPALHCDRLNPHLPLDGGFEVVRELRRWEPCTDATGRPWPLRAGVSSFGFGGANAHVVLEAPPVPPAPAEPARPTAP
QAIVLSARDDDRLRATAGRLRDFLDRARRDGHAPDLADLAFTLQVGREA(MSE)ERRLGFVVGS(MSE)DDVLGTLDRFF
AGDEPSGWHTGGIRRSRGAGVRREAEQAPEVTRALHDGRLDRVTALWCDGAPVDWQA(MSE)HPTGERRAVRLPAYPFAC
DRYWVPAVGTAPVPP
;
_entity_poly.pdbx_strand_id   A
#
# COMPACT_ATOMS: atom_id res chain seq x y z
N ASP A 6 15.38 -14.66 13.69
CA ASP A 6 14.85 -14.87 15.04
C ASP A 6 13.88 -13.73 15.40
N ASP A 7 13.30 -13.11 14.39
CA ASP A 7 12.30 -12.10 14.66
C ASP A 7 11.37 -11.92 13.47
N ALA A 8 10.41 -11.02 13.65
CA ALA A 8 9.35 -10.82 12.70
C ALA A 8 9.70 -9.72 11.71
N VAL A 9 8.75 -9.42 10.84
CA VAL A 9 8.99 -8.50 9.75
C VAL A 9 8.19 -7.21 9.92
N ALA A 10 8.91 -6.10 9.99
CA ALA A 10 8.30 -4.80 10.06
C ALA A 10 7.74 -4.34 8.71
N ILE A 11 6.58 -3.69 8.74
CA ILE A 11 6.15 -2.91 7.59
C ILE A 11 6.60 -1.48 7.81
N VAL A 12 7.54 -1.03 6.99
CA VAL A 12 8.23 0.24 7.23
C VAL A 12 7.85 1.37 6.30
N GLY A 13 6.96 1.11 5.35
CA GLY A 13 6.53 2.15 4.44
C GLY A 13 5.31 1.67 3.70
N ALA A 14 4.45 2.60 3.32
CA ALA A 14 3.21 2.18 2.69
C ALA A 14 2.59 3.23 1.81
N ALA A 15 1.85 2.77 0.80
CA ALA A 15 1.08 3.68 -0.05
C ALA A 15 -0.08 2.96 -0.70
N GLY A 16 -1.14 3.71 -1.00
CA GLY A 16 -2.24 3.14 -1.75
C GLY A 16 -3.15 4.15 -2.44
N ARG A 17 -3.79 3.70 -3.52
CA ARG A 17 -4.87 4.45 -4.12
C ARG A 17 -6.07 3.54 -4.23
N PHE A 18 -7.21 4.03 -3.74
CA PHE A 18 -8.44 3.26 -3.73
C PHE A 18 -9.64 4.09 -4.21
N PRO A 19 -10.80 3.43 -4.39
CA PRO A 19 -11.96 4.24 -4.82
C PRO A 19 -12.13 5.45 -3.92
N GLY A 20 -12.12 6.64 -4.51
CA GLY A 20 -12.31 7.86 -3.73
C GLY A 20 -11.11 8.45 -3.01
N ALA A 21 -10.10 7.64 -2.71
CA ALA A 21 -8.95 8.12 -1.98
C ALA A 21 -7.67 7.97 -2.80
N ASP A 22 -6.88 9.04 -2.87
CA ASP A 22 -5.63 8.96 -3.63
C ASP A 22 -4.40 8.75 -2.74
N ASP A 23 -4.61 8.77 -1.44
CA ASP A 23 -3.55 8.44 -0.50
C ASP A 23 -4.13 7.77 0.74
N LEU A 24 -3.28 7.19 1.57
CA LEU A 24 -3.76 6.43 2.72
C LEU A 24 -4.46 7.31 3.75
N ASP A 25 -3.97 8.53 3.97
CA ASP A 25 -4.65 9.42 4.89
C ASP A 25 -6.10 9.71 4.47
N THR A 26 -6.35 9.93 3.19
CA THR A 26 -7.74 10.09 2.71
C THR A 26 -8.59 8.81 2.90
N PHE A 27 -8.05 7.66 2.47
CA PHE A 27 -8.63 6.34 2.68
C PHE A 27 -9.15 6.18 4.11
N TRP A 28 -8.28 6.40 5.09
CA TRP A 28 -8.66 6.17 6.48
C TRP A 28 -9.81 7.07 6.89
N GLN A 29 -9.72 8.33 6.49
N GLN A 29 -9.77 8.33 6.49
CA GLN A 29 -10.77 9.32 6.74
CA GLN A 29 -10.82 9.25 6.86
C GLN A 29 -12.14 8.80 6.28
C GLN A 29 -12.17 8.89 6.23
N GLN A 30 -12.15 8.14 5.13
CA GLN A 30 -13.41 7.69 4.53
C GLN A 30 -13.95 6.47 5.22
N LEU A 31 -13.06 5.59 5.64
CA LEU A 31 -13.44 4.37 6.35
C LEU A 31 -14.08 4.74 7.68
N ARG A 32 -13.49 5.72 8.33
CA ARG A 32 -13.91 6.19 9.64
C ARG A 32 -15.31 6.80 9.60
N ALA A 33 -15.65 7.43 8.48
CA ALA A 33 -16.92 8.13 8.30
C ALA A 33 -18.03 7.22 7.80
N GLY A 34 -17.67 6.01 7.40
CA GLY A 34 -18.62 5.07 6.85
C GLY A 34 -19.06 5.50 5.47
N GLU A 35 -18.10 5.98 4.71
CA GLU A 35 -18.33 6.41 3.34
C GLU A 35 -18.41 5.20 2.40
N ASP A 36 -19.41 5.17 1.54
CA ASP A 36 -19.54 4.13 0.54
C ASP A 36 -19.10 4.69 -0.82
N LEU A 37 -17.99 4.15 -1.32
CA LEU A 37 -17.28 4.76 -2.45
C LEU A 37 -17.54 4.07 -3.77
N ILE A 38 -18.58 3.27 -3.83
CA ILE A 38 -18.88 2.62 -5.09
C ILE A 38 -19.58 3.62 -6.00
N ALA A 39 -19.17 3.63 -7.27
CA ALA A 39 -19.76 4.49 -8.28
C ALA A 39 -20.27 3.69 -9.48
N ASP A 40 -20.40 4.36 -10.62
CA ASP A 40 -20.91 3.73 -11.84
C ASP A 40 -19.80 3.29 -12.76
N TYR A 41 -20.05 2.26 -13.55
CA TYR A 41 -19.09 1.86 -14.58
C TYR A 41 -19.74 2.02 -15.95
N PRO A 42 -19.00 2.54 -16.94
CA PRO A 42 -17.59 2.96 -16.94
C PRO A 42 -17.30 4.39 -16.51
N GLY A 43 -18.16 5.33 -16.86
CA GLY A 43 -17.84 6.74 -16.69
C GLY A 43 -17.12 7.21 -17.94
N ASP A 44 -16.41 8.33 -17.82
CA ASP A 44 -15.74 8.99 -18.95
C ASP A 44 -14.51 8.22 -19.45
N ARG A 45 -14.23 7.10 -18.80
CA ARG A 45 -13.10 6.23 -19.10
C ARG A 45 -12.88 5.93 -20.57
N PHE A 46 -13.95 5.62 -21.29
CA PHE A 46 -13.83 5.14 -22.66
C PHE A 46 -14.39 6.10 -23.68
N ASP A 47 -14.79 7.27 -23.22
CA ASP A 47 -15.62 8.14 -24.02
C ASP A 47 -14.90 8.64 -25.28
N GLY A 48 -13.58 8.61 -25.27
CA GLY A 48 -12.81 8.96 -26.46
C GLY A 48 -13.18 8.18 -27.72
N GLY A 49 -13.29 6.86 -27.59
CA GLY A 49 -13.56 6.01 -28.74
C GLY A 49 -14.90 5.29 -28.71
N PRO A 50 -14.99 4.17 -29.43
CA PRO A 50 -16.24 3.44 -29.61
C PRO A 50 -16.46 2.36 -28.55
N TYR A 51 -15.42 2.00 -27.80
CA TYR A 51 -15.54 0.95 -26.81
C TYR A 51 -16.55 1.26 -25.71
N ALA A 52 -16.93 2.53 -25.63
CA ALA A 52 -17.88 3.03 -24.65
C ALA A 52 -19.22 2.31 -24.68
N GLU A 53 -19.71 1.97 -25.88
CA GLU A 53 -20.98 1.25 -25.93
C GLU A 53 -20.82 -0.20 -26.29
N VAL A 54 -19.58 -0.66 -26.43
CA VAL A 54 -19.31 -2.08 -26.27
C VAL A 54 -19.63 -2.46 -24.84
N VAL A 55 -19.36 -1.53 -23.93
CA VAL A 55 -19.67 -1.73 -22.53
C VAL A 55 -21.17 -1.65 -22.29
N ALA A 56 -21.79 -0.61 -22.83
CA ALA A 56 -23.22 -0.39 -22.60
C ALA A 56 -24.08 -1.58 -23.04
N ARG A 57 -23.60 -2.34 -24.03
CA ARG A 57 -24.39 -3.45 -24.56
C ARG A 57 -24.25 -4.71 -23.71
N ALA A 58 -23.24 -4.73 -22.84
CA ALA A 58 -22.97 -5.90 -22.02
C ALA A 58 -24.00 -6.08 -20.91
N ASP A 59 -23.99 -7.24 -20.24
CA ASP A 59 -25.11 -7.62 -19.38
C ASP A 59 -25.00 -7.18 -17.91
N PHE A 60 -23.82 -7.32 -17.32
CA PHE A 60 -23.60 -7.11 -15.89
C PHE A 60 -24.17 -5.82 -15.25
N PRO A 61 -24.47 -5.85 -13.94
CA PRO A 61 -24.82 -4.65 -13.15
C PRO A 61 -23.72 -3.61 -13.10
N LYS A 62 -24.07 -2.41 -13.51
CA LYS A 62 -23.12 -1.38 -13.87
C LYS A 62 -22.48 -0.63 -12.72
N PHE A 63 -21.77 -1.32 -11.83
CA PHE A 63 -21.14 -0.63 -10.72
C PHE A 63 -19.69 -1.00 -10.55
N ALA A 64 -18.91 -0.09 -9.99
CA ALA A 64 -17.55 -0.43 -9.57
C ALA A 64 -17.00 0.61 -8.60
N GLY A 65 -16.07 0.19 -7.77
CA GLY A 65 -15.23 1.14 -7.07
C GLY A 65 -14.15 1.52 -8.07
N ARG A 66 -14.06 2.80 -8.38
CA ARG A 66 -13.08 3.29 -9.36
C ARG A 66 -12.06 4.22 -8.76
N ILE A 67 -10.86 4.16 -9.32
CA ILE A 67 -9.82 5.11 -9.04
C ILE A 67 -9.93 6.26 -10.04
N GLU A 68 -9.88 7.49 -9.56
CA GLU A 68 -9.89 8.58 -10.51
C GLU A 68 -8.50 8.80 -11.09
N GLY A 69 -8.43 9.01 -12.41
CA GLY A 69 -7.18 9.37 -13.04
C GLY A 69 -6.31 8.18 -13.40
N VAL A 70 -6.98 7.16 -13.91
CA VAL A 70 -6.39 5.88 -14.28
C VAL A 70 -5.58 5.99 -15.58
N ASP A 71 -5.90 7.02 -16.36
CA ASP A 71 -5.21 7.24 -17.62
C ASP A 71 -4.02 8.17 -17.43
N ARG A 72 -3.77 8.57 -16.19
CA ARG A 72 -2.73 9.56 -15.91
C ARG A 72 -1.46 8.87 -15.44
N PHE A 73 -0.30 9.46 -15.77
CA PHE A 73 0.99 8.82 -15.55
C PHE A 73 2.12 9.78 -15.86
N ASP A 74 3.18 9.74 -15.05
CA ASP A 74 4.33 10.60 -15.29
C ASP A 74 5.38 9.79 -16.02
N ALA A 75 5.29 9.77 -17.36
CA ALA A 75 6.13 8.89 -18.15
C ALA A 75 7.54 9.45 -18.25
N ASP A 76 7.68 10.76 -18.16
CA ASP A 76 9.01 11.36 -18.16
C ASP A 76 9.78 11.03 -16.91
N PHE A 77 9.06 10.89 -15.81
CA PHE A 77 9.69 10.53 -14.57
C PHE A 77 10.48 9.23 -14.73
N PHE A 78 9.91 8.30 -15.49
CA PHE A 78 10.52 6.99 -15.72
C PHE A 78 11.16 6.90 -17.09
N HIS A 79 11.30 8.04 -17.75
N HIS A 79 11.26 8.04 -17.75
CA HIS A 79 11.91 8.13 -19.06
CA HIS A 79 11.90 8.15 -19.05
C HIS A 79 11.24 7.15 -20.02
C HIS A 79 11.27 7.19 -20.08
N LEU A 80 10.05 7.51 -20.49
CA LEU A 80 9.33 6.70 -21.47
C LEU A 80 8.74 7.52 -22.62
N SER A 81 8.94 7.03 -23.84
CA SER A 81 8.21 7.41 -25.04
C SER A 81 6.75 7.62 -24.69
N ARG A 82 6.07 8.58 -25.30
CA ARG A 82 4.62 8.61 -25.15
C ARG A 82 4.05 7.28 -25.68
N LEU A 83 4.58 6.82 -26.80
CA LEU A 83 4.20 5.55 -27.39
C LEU A 83 4.44 4.33 -26.47
N GLU A 84 5.59 4.27 -25.81
CA GLU A 84 5.85 3.16 -24.89
C GLU A 84 4.85 3.19 -23.74
N ALA A 85 4.47 4.38 -23.33
CA ALA A 85 3.59 4.53 -22.18
C ALA A 85 2.16 4.27 -22.59
N GLU A 86 1.82 4.62 -23.82
CA GLU A 86 0.44 4.44 -24.29
C GLU A 86 0.06 2.96 -24.49
N LEU A 87 1.05 2.11 -24.67
CA LEU A 87 0.80 0.70 -24.86
C LEU A 87 1.07 -0.04 -23.57
N ASP A 89 0.08 -1.18 -19.94
CA ASP A 89 -1.00 -1.45 -19.01
C ASP A 89 -0.97 -0.44 -17.89
N PRO A 90 -2.05 0.33 -17.72
CA PRO A 90 -2.16 1.27 -16.62
C PRO A 90 -1.88 0.63 -15.27
N GLN A 91 -2.11 -0.68 -15.15
CA GLN A 91 -1.72 -1.40 -13.94
C GLN A 91 -0.23 -1.30 -13.69
N HIS A 92 0.58 -1.42 -14.73
CA HIS A 92 2.02 -1.27 -14.53
C HIS A 92 2.34 0.16 -14.17
N ARG A 93 1.58 1.10 -14.72
CA ARG A 93 1.88 2.51 -14.53
C ARG A 93 1.58 2.92 -13.10
N LEU A 94 0.39 2.57 -12.61
CA LEU A 94 0.05 2.91 -11.23
C LEU A 94 0.89 2.15 -10.22
N ALA A 95 1.33 0.95 -10.58
CA ALA A 95 2.21 0.17 -9.72
C ALA A 95 3.48 0.94 -9.43
N LEU A 96 4.16 1.32 -10.51
CA LEU A 96 5.34 2.16 -10.45
C LEU A 96 5.16 3.36 -9.55
N GLU A 97 4.06 4.06 -9.71
CA GLU A 97 3.94 5.31 -8.99
C GLU A 97 3.69 5.04 -7.52
N THR A 98 2.91 4.01 -7.24
CA THR A 98 2.55 3.74 -5.87
C THR A 98 3.72 3.10 -5.12
N VAL A 99 4.47 2.26 -5.82
CA VAL A 99 5.67 1.66 -5.23
C VAL A 99 6.65 2.77 -4.86
N TRP A 100 6.77 3.74 -5.75
CA TRP A 100 7.63 4.86 -5.47
C TRP A 100 7.15 5.61 -4.23
N ALA A 101 5.83 5.82 -4.17
CA ALA A 101 5.20 6.51 -3.07
C ALA A 101 5.47 5.83 -1.74
N ALA A 102 5.37 4.50 -1.72
CA ALA A 102 5.64 3.73 -0.52
C ALA A 102 7.10 3.86 -0.09
N LEU A 103 7.99 3.76 -1.07
CA LEU A 103 9.42 3.96 -0.82
C LEU A 103 9.67 5.29 -0.10
N GLU A 104 9.18 6.37 -0.67
CA GLU A 104 9.32 7.68 -0.02
C GLU A 104 8.67 7.72 1.36
N ASN A 105 7.46 7.20 1.49
CA ASN A 105 6.76 7.21 2.77
C ASN A 105 7.51 6.46 3.88
N GLY A 106 8.32 5.50 3.47
CA GLY A 106 9.13 4.72 4.39
C GLY A 106 10.49 5.37 4.57
N GLY A 107 10.75 6.40 3.77
CA GLY A 107 11.98 7.14 3.86
C GLY A 107 13.12 6.47 3.14
N TYR A 108 12.82 5.84 2.00
CA TYR A 108 13.84 5.15 1.22
C TYR A 108 13.95 5.68 -0.21
N ALA A 109 15.05 6.37 -0.48
CA ALA A 109 15.49 6.54 -1.85
C ALA A 109 15.99 5.19 -2.33
N PRO A 110 15.84 4.92 -3.64
CA PRO A 110 16.34 3.67 -4.24
C PRO A 110 17.76 3.31 -3.77
N ALA A 111 18.62 4.30 -3.61
CA ALA A 111 20.00 4.08 -3.22
C ALA A 111 20.18 3.69 -1.76
N ARG A 112 19.10 3.69 -0.99
CA ARG A 112 19.18 3.29 0.41
C ARG A 112 18.75 1.83 0.54
N LEU A 113 18.12 1.33 -0.51
CA LEU A 113 17.73 -0.06 -0.55
C LEU A 113 18.95 -0.93 -0.64
N PRO A 114 18.92 -2.08 0.03
CA PRO A 114 19.92 -3.13 -0.14
C PRO A 114 19.85 -3.62 -1.57
N GLU A 115 20.94 -4.15 -2.11
CA GLU A 115 20.88 -4.60 -3.48
C GLU A 115 20.08 -5.90 -3.62
N ASN A 116 19.94 -6.67 -2.55
CA ASN A 116 19.07 -7.82 -2.68
C ASN A 116 17.70 -7.52 -2.10
N THR A 117 17.01 -6.61 -2.75
CA THR A 117 15.64 -6.30 -2.40
C THR A 117 14.72 -7.05 -3.33
N GLY A 118 13.78 -7.80 -2.75
CA GLY A 118 12.83 -8.55 -3.53
C GLY A 118 11.60 -7.75 -3.84
N VAL A 119 10.90 -8.14 -4.89
CA VAL A 119 9.72 -7.44 -5.35
C VAL A 119 8.66 -8.44 -5.73
N TYR A 120 7.54 -8.41 -5.01
CA TYR A 120 6.46 -9.38 -5.17
C TYR A 120 5.16 -8.64 -5.31
N PHE A 121 4.59 -8.65 -6.51
CA PHE A 121 3.47 -7.76 -6.77
C PHE A 121 2.29 -8.55 -7.36
N GLY A 122 1.11 -8.40 -6.75
CA GLY A 122 -0.03 -9.20 -7.17
C GLY A 122 -0.77 -8.49 -8.27
N VAL A 123 -1.24 -9.25 -9.26
CA VAL A 123 -1.92 -8.71 -10.42
C VAL A 123 -2.62 -9.86 -11.14
N SER A 124 -3.82 -9.64 -11.66
CA SER A 124 -4.56 -10.73 -12.28
C SER A 124 -5.00 -10.53 -13.73
N GLY A 125 -5.50 -9.34 -14.06
CA GLY A 125 -6.08 -9.19 -15.37
C GLY A 125 -5.20 -8.53 -16.41
N SER A 126 -5.40 -8.90 -17.67
CA SER A 126 -4.84 -8.16 -18.77
C SER A 126 -5.93 -7.40 -19.50
N ASP A 127 -6.72 -6.64 -18.76
CA ASP A 127 -7.85 -5.94 -19.32
C ASP A 127 -7.41 -4.98 -20.44
N TYR A 128 -6.32 -4.24 -20.23
CA TYR A 128 -5.88 -3.23 -21.20
C TYR A 128 -5.52 -3.80 -22.55
N HIS A 129 -4.88 -4.97 -22.53
CA HIS A 129 -4.39 -5.61 -23.73
C HIS A 129 -5.57 -6.01 -24.57
N HIS A 130 -6.66 -6.41 -23.91
CA HIS A 130 -7.89 -6.69 -24.61
C HIS A 130 -8.39 -5.39 -25.23
N LEU A 131 -8.33 -4.31 -24.46
CA LEU A 131 -8.80 -3.01 -24.90
C LEU A 131 -8.08 -2.53 -26.15
N LEU A 132 -6.77 -2.77 -26.21
CA LEU A 132 -5.95 -2.40 -27.36
C LEU A 132 -6.39 -3.14 -28.60
N ASN A 133 -6.61 -4.43 -28.44
CA ASN A 133 -6.98 -5.25 -29.57
C ASN A 133 -8.34 -4.85 -30.08
N ALA A 134 -9.26 -4.59 -29.14
CA ALA A 134 -10.63 -4.25 -29.50
C ALA A 134 -10.72 -2.88 -30.16
N SER A 135 -9.66 -2.08 -29.98
CA SER A 135 -9.60 -0.74 -30.54
C SER A 135 -8.91 -0.76 -31.89
N GLY A 136 -8.27 -1.88 -32.21
CA GLY A 136 -7.66 -2.08 -33.50
C GLY A 136 -6.18 -1.76 -33.53
N VAL A 137 -5.59 -1.60 -32.35
CA VAL A 137 -4.20 -1.19 -32.26
C VAL A 137 -3.29 -2.31 -32.68
N ALA A 138 -2.60 -2.12 -33.81
CA ALA A 138 -1.63 -3.10 -34.29
C ALA A 138 -0.57 -3.35 -33.21
N PRO A 139 -0.02 -4.56 -33.18
CA PRO A 139 1.02 -4.86 -32.19
C PRO A 139 2.29 -4.04 -32.38
N ASP A 140 2.91 -3.65 -31.26
CA ASP A 140 4.26 -3.09 -31.29
C ASP A 140 5.13 -3.88 -30.33
N GLY A 141 6.43 -3.66 -30.40
CA GLY A 141 7.35 -4.19 -29.42
C GLY A 141 7.06 -3.71 -28.02
N PHE A 142 6.40 -2.57 -27.88
CA PHE A 142 6.08 -2.05 -26.55
C PHE A 142 4.86 -2.71 -25.95
N THR A 143 4.02 -3.31 -26.80
CA THR A 143 2.78 -3.91 -26.30
C THR A 143 3.07 -5.11 -25.44
N ALA A 144 3.91 -6.00 -25.95
CA ALA A 144 4.32 -7.22 -25.24
C ALA A 144 4.95 -6.89 -23.89
N THR A 145 5.97 -6.05 -23.93
CA THR A 145 6.55 -5.49 -22.75
C THR A 145 5.52 -4.77 -21.87
N GLY A 146 4.55 -4.12 -22.50
CA GLY A 146 3.64 -3.28 -21.76
C GLY A 146 2.53 -4.02 -21.09
N ASN A 147 2.48 -5.32 -21.32
CA ASN A 147 1.35 -6.08 -20.88
C ASN A 147 1.63 -7.44 -20.28
N ALA A 148 2.87 -7.87 -20.31
CA ALA A 148 3.24 -9.11 -19.64
C ALA A 148 3.26 -8.89 -18.12
N HIS A 149 2.68 -9.80 -17.36
CA HIS A 149 2.63 -9.61 -15.90
C HIS A 149 4.02 -9.57 -15.28
N SER A 150 4.92 -10.38 -15.83
CA SER A 150 6.32 -10.37 -15.40
C SER A 150 6.90 -8.97 -15.44
N LEU A 152 5.46 -6.11 -15.00
CA LEU A 152 5.00 -5.32 -13.87
C LEU A 152 6.04 -5.37 -12.75
N ALA A 153 6.49 -6.58 -12.41
CA ALA A 153 7.45 -6.73 -11.33
C ALA A 153 8.85 -6.34 -11.79
N ASN A 154 9.28 -6.89 -12.92
CA ASN A 154 10.67 -6.70 -13.35
C ASN A 154 10.99 -5.24 -13.65
N ARG A 155 10.05 -4.52 -14.23
CA ARG A 155 10.30 -3.10 -14.51
C ARG A 155 10.58 -2.37 -13.18
N ILE A 156 9.96 -2.81 -12.10
CA ILE A 156 10.21 -2.18 -10.80
C ILE A 156 11.62 -2.45 -10.32
N SER A 157 12.02 -3.72 -10.39
CA SER A 157 13.38 -4.09 -10.05
C SER A 157 14.35 -3.36 -10.95
N TYR A 158 14.00 -3.18 -12.22
CA TYR A 158 14.83 -2.40 -13.16
C TYR A 158 14.92 -0.94 -12.70
N VAL A 159 13.79 -0.34 -12.37
CA VAL A 159 13.79 1.06 -11.94
C VAL A 159 14.60 1.27 -10.66
N LEU A 160 14.53 0.33 -9.72
CA LEU A 160 15.17 0.47 -8.44
C LEU A 160 16.59 -0.09 -8.39
N ASP A 161 16.99 -0.78 -9.45
CA ASP A 161 18.26 -1.50 -9.50
C ASP A 161 18.46 -2.42 -8.29
N VAL A 162 17.51 -3.30 -8.05
CA VAL A 162 17.69 -4.31 -7.01
C VAL A 162 17.72 -5.71 -7.63
N HIS A 163 18.18 -6.71 -6.87
CA HIS A 163 18.51 -8.02 -7.41
C HIS A 163 17.89 -9.18 -6.67
N GLY A 164 16.93 -8.88 -5.80
CA GLY A 164 16.21 -9.95 -5.13
C GLY A 164 15.30 -10.56 -6.15
N PRO A 165 14.58 -11.62 -5.79
CA PRO A 165 13.57 -12.18 -6.68
C PRO A 165 12.51 -11.14 -7.07
N SER A 166 12.16 -11.09 -8.35
CA SER A 166 11.15 -10.17 -8.89
C SER A 166 9.99 -10.97 -9.50
N GLU A 167 8.85 -10.98 -8.83
CA GLU A 167 7.73 -11.83 -9.27
C GLU A 167 6.39 -11.11 -9.24
N PRO A 168 5.63 -11.27 -10.33
CA PRO A 168 4.18 -11.09 -10.23
C PRO A 168 3.58 -12.24 -9.45
N VAL A 169 2.48 -11.97 -8.77
CA VAL A 169 1.73 -13.02 -8.11
C VAL A 169 0.29 -13.04 -8.63
N ASP A 170 -0.17 -14.21 -9.09
CA ASP A 170 -1.53 -14.35 -9.58
C ASP A 170 -2.21 -15.51 -8.89
N THR A 171 -2.85 -15.25 -7.77
CA THR A 171 -3.65 -16.26 -7.09
C THR A 171 -5.10 -15.79 -7.07
N ALA A 172 -5.43 -14.98 -8.08
CA ALA A 172 -6.73 -14.35 -8.24
C ALA A 172 -7.00 -13.36 -7.11
N CYS A 173 -8.04 -13.59 -6.34
CA CYS A 173 -8.56 -12.58 -5.42
C CYS A 173 -7.67 -12.39 -4.19
N SER A 174 -6.68 -13.25 -4.03
CA SER A 174 -5.83 -13.20 -2.85
C SER A 174 -4.38 -12.80 -3.20
N SER A 175 -4.17 -12.38 -4.44
CA SER A 175 -2.82 -12.21 -4.93
C SER A 175 -1.96 -11.35 -4.02
N SER A 176 -2.42 -10.14 -3.69
CA SER A 176 -1.59 -9.25 -2.89
C SER A 176 -1.36 -9.81 -1.48
N LEU A 177 -2.27 -10.60 -0.92
CA LEU A 177 -1.95 -11.12 0.42
C LEU A 177 -0.84 -12.18 0.32
N VAL A 178 -0.93 -13.05 -0.67
CA VAL A 178 0.15 -13.99 -0.95
C VAL A 178 1.50 -13.29 -1.23
N ALA A 179 1.46 -12.17 -1.93
CA ALA A 179 2.64 -11.34 -2.12
C ALA A 179 3.30 -11.06 -0.79
N LEU A 180 2.53 -10.42 0.08
CA LEU A 180 3.01 -10.08 1.42
C LEU A 180 3.62 -11.30 2.07
N HIS A 181 2.99 -12.45 1.88
CA HIS A 181 3.44 -13.69 2.51
C HIS A 181 4.77 -14.17 1.93
N ARG A 182 4.92 -14.02 0.62
CA ARG A 182 6.10 -14.52 -0.06
C ARG A 182 7.27 -13.63 0.28
N ALA A 183 7.01 -12.34 0.34
CA ALA A 183 8.03 -11.39 0.74
C ALA A 183 8.48 -11.69 2.16
N VAL A 184 7.53 -12.04 3.03
CA VAL A 184 7.90 -12.28 4.42
C VAL A 184 8.77 -13.53 4.53
N GLU A 185 8.37 -14.60 3.83
N GLU A 185 8.43 -14.59 3.81
CA GLU A 185 9.16 -15.82 3.75
CA GLU A 185 9.22 -15.80 3.90
C GLU A 185 10.61 -15.51 3.43
C GLU A 185 10.64 -15.60 3.36
N HIS A 186 10.79 -14.79 2.33
CA HIS A 186 12.12 -14.47 1.84
C HIS A 186 12.88 -13.52 2.77
N ILE A 187 12.17 -12.76 3.59
CA ILE A 187 12.90 -11.95 4.54
C ILE A 187 13.34 -12.82 5.71
N ARG A 188 12.40 -13.63 6.22
CA ARG A 188 12.67 -14.53 7.33
C ARG A 188 13.77 -15.52 6.96
N SER A 189 13.94 -15.80 5.68
CA SER A 189 14.90 -16.82 5.28
C SER A 189 16.28 -16.22 5.02
N GLY A 190 16.34 -14.90 4.87
CA GLY A 190 17.62 -14.24 4.62
C GLY A 190 17.90 -13.92 3.16
N ARG A 191 17.09 -14.45 2.25
N ARG A 191 17.08 -14.43 2.25
CA ARG A 191 17.27 -14.19 0.83
CA ARG A 191 17.29 -14.18 0.84
C ARG A 191 17.16 -12.70 0.56
C ARG A 191 17.08 -12.72 0.49
N CYS A 192 16.26 -12.04 1.28
CA CYS A 192 16.10 -10.60 1.11
C CYS A 192 16.41 -9.87 2.41
N GLU A 193 16.90 -8.65 2.26
CA GLU A 193 17.26 -7.83 3.40
C GLU A 193 16.14 -6.79 3.60
N ALA A 195 12.09 -6.01 1.31
CA ALA A 195 11.29 -6.39 0.13
C ALA A 195 10.09 -5.47 -0.09
N ILE A 196 9.61 -5.46 -1.31
CA ILE A 196 8.41 -4.72 -1.66
C ILE A 196 7.28 -5.69 -2.06
N ALA A 197 6.19 -5.67 -1.31
CA ALA A 197 5.02 -6.43 -1.70
C ALA A 197 3.91 -5.46 -2.03
N GLY A 198 3.18 -5.77 -3.09
CA GLY A 198 2.13 -4.89 -3.58
C GLY A 198 1.05 -5.64 -4.32
N GLY A 199 0.01 -4.90 -4.71
CA GLY A 199 -1.00 -5.46 -5.58
C GLY A 199 -1.67 -4.37 -6.37
N VAL A 200 -2.24 -4.74 -7.52
CA VAL A 200 -2.98 -3.77 -8.31
C VAL A 200 -4.10 -4.45 -9.06
N ASN A 201 -5.19 -3.72 -9.27
CA ASN A 201 -6.30 -4.22 -10.01
C ASN A 201 -6.97 -3.04 -10.66
N LEU A 202 -7.19 -3.15 -11.97
CA LEU A 202 -7.87 -2.10 -12.72
C LEU A 202 -8.86 -2.70 -13.69
N LEU A 203 -10.03 -2.07 -13.76
CA LEU A 203 -11.13 -2.56 -14.58
C LEU A 203 -11.19 -1.83 -15.92
N LEU A 204 -10.56 -2.41 -16.94
CA LEU A 204 -10.34 -1.69 -18.19
C LEU A 204 -10.99 -2.38 -19.37
N SER A 205 -11.80 -3.41 -19.11
CA SER A 205 -12.52 -4.09 -20.19
C SER A 205 -13.78 -4.78 -19.69
N VAL A 206 -14.60 -5.21 -20.64
CA VAL A 206 -15.87 -5.86 -20.37
C VAL A 206 -15.75 -7.33 -20.00
N ASP A 207 -14.79 -8.01 -20.63
CA ASP A 207 -14.62 -9.45 -20.54
C ASP A 207 -14.91 -10.05 -19.16
N THR A 208 -14.18 -9.62 -18.14
CA THR A 208 -14.35 -10.24 -16.83
C THR A 208 -15.66 -9.83 -16.18
N PHE A 209 -16.14 -8.63 -16.48
CA PHE A 209 -17.41 -8.15 -15.95
C PHE A 209 -18.52 -9.08 -16.37
N ALA A 210 -18.63 -9.27 -17.67
CA ALA A 210 -19.65 -10.12 -18.27
C ALA A 210 -19.58 -11.51 -17.70
N ALA A 211 -18.36 -12.05 -17.62
CA ALA A 211 -18.20 -13.45 -17.24
C ALA A 211 -18.62 -13.69 -15.80
N THR A 212 -18.12 -12.86 -14.90
CA THR A 212 -18.47 -12.93 -13.50
C THR A 212 -19.97 -12.87 -13.31
N HIS A 213 -20.64 -12.03 -14.10
CA HIS A 213 -22.08 -11.89 -14.02
C HIS A 213 -22.79 -13.21 -14.35
N ALA A 215 -21.53 -16.18 -14.10
CA ALA A 215 -21.25 -16.97 -12.91
C ALA A 215 -22.21 -16.66 -11.74
N GLY A 216 -23.00 -15.59 -11.84
CA GLY A 216 -23.92 -15.22 -10.78
C GLY A 216 -23.23 -14.70 -9.53
N LEU A 218 -21.96 -11.25 -9.30
CA LEU A 218 -22.11 -9.83 -9.14
C LEU A 218 -23.47 -9.51 -8.55
N SER A 219 -23.50 -8.66 -7.52
CA SER A 219 -24.77 -8.27 -6.90
C SER A 219 -25.48 -7.23 -7.76
N PRO A 220 -26.80 -7.37 -7.87
CA PRO A 220 -27.67 -6.52 -8.69
C PRO A 220 -27.63 -5.05 -8.33
N ASP A 221 -27.28 -4.70 -7.09
CA ASP A 221 -27.21 -3.30 -6.65
C ASP A 221 -25.77 -2.83 -6.42
N GLY A 222 -24.84 -3.62 -6.93
CA GLY A 222 -23.43 -3.31 -6.88
C GLY A 222 -22.86 -2.97 -5.53
N ARG A 223 -23.24 -3.69 -4.49
CA ARG A 223 -22.63 -3.45 -3.19
C ARG A 223 -22.15 -4.75 -2.56
N CYS A 224 -21.02 -4.68 -1.86
CA CYS A 224 -20.57 -5.82 -1.08
C CYS A 224 -21.22 -5.77 0.28
N LYS A 225 -22.41 -6.35 0.39
CA LYS A 225 -23.12 -6.29 1.65
C LYS A 225 -22.65 -7.44 2.53
N THR A 226 -21.35 -7.40 2.87
CA THR A 226 -20.73 -8.39 3.74
C THR A 226 -21.42 -8.49 5.09
N PHE A 227 -21.65 -9.74 5.51
CA PHE A 227 -22.31 -10.13 6.76
C PHE A 227 -23.80 -9.86 6.77
N SER A 228 -24.31 -9.14 5.78
CA SER A 228 -25.73 -8.81 5.75
C SER A 228 -26.56 -10.06 5.50
N ALA A 229 -27.86 -9.95 5.73
CA ALA A 229 -28.78 -11.05 5.49
C ALA A 229 -29.13 -11.11 4.02
N GLY A 230 -29.02 -9.97 3.35
CA GLY A 230 -29.39 -9.87 1.96
C GLY A 230 -28.18 -9.84 1.05
N ALA A 231 -27.08 -10.39 1.52
CA ALA A 231 -25.88 -10.50 0.71
C ALA A 231 -26.17 -11.36 -0.52
N ASP A 232 -25.81 -10.86 -1.69
CA ASP A 232 -26.26 -11.48 -2.94
C ASP A 232 -25.26 -11.29 -4.06
N GLY A 233 -24.00 -11.06 -3.71
CA GLY A 233 -22.96 -10.95 -4.69
C GLY A 233 -22.00 -9.87 -4.28
N TYR A 234 -21.01 -9.58 -5.13
CA TYR A 234 -20.12 -8.49 -4.84
C TYR A 234 -20.02 -7.51 -6.01
N VAL A 235 -19.16 -6.52 -5.84
CA VAL A 235 -18.93 -5.55 -6.89
C VAL A 235 -17.40 -5.40 -7.08
N ARG A 236 -16.98 -5.37 -8.34
CA ARG A 236 -15.55 -5.25 -8.62
C ARG A 236 -15.05 -3.83 -8.28
N SER A 237 -13.79 -3.73 -7.87
CA SER A 237 -13.17 -2.42 -7.57
C SER A 237 -11.75 -2.33 -8.04
N GLU A 238 -11.34 -1.10 -8.31
CA GLU A 238 -9.95 -0.81 -8.63
C GLU A 238 -9.19 -0.50 -7.36
N GLY A 239 -7.88 -0.62 -7.41
CA GLY A 239 -7.06 -0.34 -6.23
C GLY A 239 -5.62 -0.64 -6.52
N VAL A 240 -4.73 0.08 -5.85
CA VAL A 240 -3.32 -0.21 -5.97
C VAL A 240 -2.63 0.09 -4.63
N ALA A 241 -1.73 -0.78 -4.23
CA ALA A 241 -1.06 -0.65 -2.93
C ALA A 241 0.30 -1.28 -2.95
N ALA A 242 1.20 -0.76 -2.12
CA ALA A 242 2.50 -1.40 -1.88
C ALA A 242 2.94 -1.16 -0.44
N VAL A 243 3.70 -2.09 0.08
CA VAL A 243 4.31 -1.92 1.39
C VAL A 243 5.77 -2.31 1.33
N LEU A 244 6.57 -1.57 2.07
CA LEU A 244 7.98 -1.85 2.18
C LEU A 244 8.25 -2.72 3.45
N LEU A 245 8.99 -3.81 3.31
CA LEU A 245 9.20 -4.75 4.42
C LEU A 245 10.67 -4.91 4.82
N LYS A 246 10.88 -5.13 6.11
CA LYS A 246 12.23 -5.18 6.67
C LYS A 246 12.18 -5.92 8.01
N PRO A 247 13.23 -6.69 8.34
CA PRO A 247 13.27 -7.40 9.62
C PRO A 247 13.07 -6.45 10.78
N LEU A 248 12.23 -6.81 11.74
CA LEU A 248 11.86 -5.91 12.84
C LEU A 248 13.05 -5.35 13.58
N ALA A 249 13.92 -6.23 14.07
CA ALA A 249 15.11 -5.83 14.80
C ALA A 249 15.93 -4.81 14.00
N GLN A 250 16.30 -5.16 12.77
CA GLN A 250 17.08 -4.25 11.93
C GLN A 250 16.35 -2.91 11.79
N ALA A 251 15.03 -2.96 11.72
CA ALA A 251 14.24 -1.76 11.50
C ALA A 251 14.20 -0.88 12.75
N GLN A 252 14.36 -1.50 13.92
CA GLN A 252 14.37 -0.72 15.15
C GLN A 252 15.70 0.02 15.32
N ARG A 253 16.80 -0.67 15.03
CA ARG A 253 18.12 -0.04 15.13
C ARG A 253 18.27 1.13 14.17
N ASP A 254 17.64 1.02 13.00
CA ASP A 254 17.76 2.03 11.97
C ASP A 254 16.73 3.13 12.13
N GLY A 255 15.89 3.00 13.14
CA GLY A 255 14.85 3.98 13.39
C GLY A 255 13.94 4.25 12.20
N ASP A 256 13.52 3.19 11.50
CA ASP A 256 12.48 3.31 10.48
C ASP A 256 11.13 3.58 11.19
N ALA A 257 10.21 4.21 10.47
CA ALA A 257 8.87 4.48 11.00
C ALA A 257 7.92 3.31 10.73
N ILE A 258 7.74 2.45 11.73
CA ILE A 258 7.04 1.19 11.55
C ILE A 258 5.51 1.31 11.58
N TRP A 259 4.88 0.73 10.56
CA TRP A 259 3.43 0.73 10.48
C TRP A 259 2.85 -0.40 11.31
N GLY A 260 3.56 -1.52 11.31
CA GLY A 260 3.12 -2.71 11.99
C GLY A 260 4.11 -3.84 11.83
N VAL A 261 3.86 -4.92 12.56
CA VAL A 261 4.70 -6.08 12.51
C VAL A 261 3.88 -7.25 11.99
N VAL A 262 4.46 -8.08 11.12
CA VAL A 262 3.83 -9.33 10.72
C VAL A 262 4.26 -10.46 11.63
N ARG A 263 3.36 -10.90 12.51
CA ARG A 263 3.67 -11.93 13.50
C ARG A 263 3.55 -13.34 12.94
N GLY A 264 2.54 -13.54 12.11
CA GLY A 264 2.34 -14.82 11.45
C GLY A 264 1.71 -14.69 10.08
N SER A 265 1.77 -15.77 9.32
CA SER A 265 1.46 -15.68 7.90
C SER A 265 1.42 -17.08 7.31
N ALA A 266 0.34 -17.41 6.60
CA ALA A 266 0.23 -18.73 5.98
C ALA A 266 -0.52 -18.69 4.67
N GLU A 267 -0.23 -19.63 3.77
CA GLU A 267 -1.04 -19.82 2.55
C GLU A 267 -1.26 -21.29 2.31
N ASN A 268 -2.36 -21.63 1.64
CA ASN A 268 -2.66 -23.04 1.34
C ASN A 268 -3.68 -23.08 0.22
N HIS A 269 -4.05 -24.26 -0.23
CA HIS A 269 -5.06 -24.30 -1.26
C HIS A 269 -6.20 -25.18 -0.82
N GLY A 270 -7.38 -24.88 -1.34
CA GLY A 270 -8.59 -25.56 -0.96
C GLY A 270 -8.69 -27.02 -1.32
N GLY A 271 -8.00 -27.48 -2.36
CA GLY A 271 -8.13 -28.86 -2.82
C GLY A 271 -9.52 -29.08 -3.42
N ARG A 272 -10.13 -30.23 -3.20
CA ARG A 272 -11.46 -30.47 -3.77
C ARG A 272 -12.58 -30.00 -2.85
N ALA A 273 -13.25 -28.94 -3.28
CA ALA A 273 -14.18 -28.22 -2.44
C ALA A 273 -15.65 -28.34 -2.88
N GLY A 274 -15.93 -29.22 -3.83
CA GLY A 274 -17.29 -29.37 -4.28
C GLY A 274 -17.47 -28.77 -5.66
N SER A 275 -16.93 -27.57 -5.82
CA SER A 275 -16.71 -27.02 -7.14
C SER A 275 -15.46 -26.16 -7.14
N LEU A 276 -14.99 -25.86 -8.34
CA LEU A 276 -13.77 -25.11 -8.54
C LEU A 276 -13.75 -23.83 -7.69
N THR A 277 -14.88 -23.15 -7.63
CA THR A 277 -14.94 -21.81 -7.05
C THR A 277 -15.79 -21.72 -5.77
N ALA A 278 -16.16 -22.88 -5.21
CA ALA A 278 -16.80 -22.94 -3.90
C ALA A 278 -15.80 -22.73 -2.75
N PRO A 279 -16.24 -22.09 -1.66
CA PRO A 279 -15.37 -21.88 -0.49
C PRO A 279 -15.25 -23.17 0.32
N ASN A 280 -14.08 -23.39 0.91
CA ASN A 280 -13.82 -24.61 1.65
C ASN A 280 -13.46 -24.27 3.07
N GLY A 281 -14.46 -24.37 3.95
CA GLY A 281 -14.31 -24.01 5.34
C GLY A 281 -13.23 -24.76 6.09
N LYS A 282 -13.07 -26.04 5.80
CA LYS A 282 -12.10 -26.81 6.56
C LYS A 282 -10.69 -26.42 6.15
N ALA A 283 -10.53 -25.98 4.90
CA ALA A 283 -9.25 -25.43 4.46
C ALA A 283 -8.99 -24.05 5.05
N GLN A 284 -10.02 -23.22 5.07
CA GLN A 284 -9.90 -21.88 5.62
C GLN A 284 -9.54 -21.95 7.09
N ALA A 285 -10.04 -22.97 7.76
CA ALA A 285 -9.68 -23.18 9.15
C ALA A 285 -8.22 -23.57 9.27
N ALA A 286 -7.82 -24.58 8.51
CA ALA A 286 -6.46 -25.15 8.60
C ALA A 286 -5.43 -24.08 8.36
N LEU A 287 -5.76 -23.17 7.46
CA LEU A 287 -4.96 -22.00 7.11
C LEU A 287 -4.70 -21.12 8.30
N ILE A 288 -5.78 -20.67 8.93
CA ILE A 288 -5.69 -19.76 10.06
C ILE A 288 -4.89 -20.36 11.19
N GLN A 289 -5.19 -21.61 11.56
CA GLN A 289 -4.45 -22.29 12.61
C GLN A 289 -2.97 -22.34 12.31
N ASP A 290 -2.66 -22.52 11.03
CA ASP A 290 -1.30 -22.53 10.57
C ASP A 290 -0.64 -21.15 10.83
N ALA A 291 -1.33 -20.06 10.51
CA ALA A 291 -0.74 -18.74 10.61
C ALA A 291 -0.71 -18.29 12.04
N ARG A 293 -0.12 -20.10 14.49
CA ARG A 293 0.79 -20.96 15.25
C ARG A 293 1.67 -20.14 16.19
N GLY A 294 1.58 -20.43 17.48
CA GLY A 294 2.34 -19.71 18.47
C GLY A 294 1.63 -18.49 19.04
N ILE A 295 0.76 -17.88 18.24
CA ILE A 295 -0.01 -16.74 18.70
C ILE A 295 -1.18 -17.18 19.56
N ASP A 296 -1.43 -16.45 20.64
CA ASP A 296 -2.58 -16.67 21.51
C ASP A 296 -3.85 -16.07 20.90
N PRO A 297 -4.89 -16.89 20.66
CA PRO A 297 -6.08 -16.30 20.02
C PRO A 297 -6.87 -15.32 20.91
N ASP A 298 -6.70 -15.39 22.23
CA ASP A 298 -7.29 -14.41 23.13
C ASP A 298 -6.66 -13.06 22.90
N SER A 299 -5.57 -13.07 22.15
CA SER A 299 -4.74 -11.91 21.87
C SER A 299 -5.19 -11.13 20.64
N ILE A 300 -6.02 -11.74 19.81
CA ILE A 300 -6.48 -11.07 18.60
C ILE A 300 -7.71 -10.21 18.89
N GLY A 301 -7.67 -8.96 18.44
CA GLY A 301 -8.75 -8.02 18.71
C GLY A 301 -9.71 -7.80 17.55
N TYR A 302 -9.19 -7.94 16.33
CA TYR A 302 -9.98 -7.69 15.12
C TYR A 302 -9.60 -8.67 14.03
N VAL A 303 -10.58 -9.04 13.20
CA VAL A 303 -10.25 -9.77 11.98
C VAL A 303 -10.87 -9.08 10.79
N GLU A 304 -10.02 -8.70 9.84
CA GLU A 304 -10.50 -8.19 8.57
C GLU A 304 -10.75 -9.40 7.69
N ALA A 305 -12.00 -9.82 7.68
CA ALA A 305 -12.42 -11.00 6.98
C ALA A 305 -12.31 -10.79 5.47
N HIS A 306 -12.18 -11.88 4.72
CA HIS A 306 -12.21 -11.80 3.26
C HIS A 306 -13.47 -11.07 2.80
N GLY A 307 -14.62 -11.57 3.22
CA GLY A 307 -15.88 -10.85 3.14
C GLY A 307 -16.25 -10.26 1.80
N THR A 308 -16.57 -11.14 0.85
CA THR A 308 -17.01 -10.73 -0.48
C THR A 308 -18.44 -10.23 -0.44
N GLY A 309 -19.24 -10.75 0.49
CA GLY A 309 -20.65 -10.40 0.55
C GLY A 309 -21.46 -11.32 -0.33
N THR A 310 -20.90 -12.48 -0.65
CA THR A 310 -21.64 -13.53 -1.29
C THR A 310 -22.47 -14.19 -0.20
N GLY A 311 -23.64 -14.69 -0.57
CA GLY A 311 -24.53 -15.27 0.42
C GLY A 311 -23.97 -16.51 1.10
N LEU A 312 -23.13 -17.24 0.36
CA LEU A 312 -22.57 -18.46 0.89
C LEU A 312 -21.23 -18.23 1.59
N GLY A 313 -20.37 -17.45 0.95
CA GLY A 313 -19.01 -17.25 1.41
C GLY A 313 -18.90 -16.66 2.79
N ASP A 314 -19.80 -15.76 3.15
CA ASP A 314 -19.61 -15.00 4.38
C ASP A 314 -19.75 -15.87 5.65
N PRO A 315 -20.85 -16.64 5.77
CA PRO A 315 -20.97 -17.48 6.95
C PRO A 315 -19.90 -18.57 7.01
N VAL A 316 -19.51 -19.11 5.85
CA VAL A 316 -18.51 -20.17 5.80
C VAL A 316 -17.22 -19.66 6.42
N GLU A 317 -16.79 -18.50 5.95
CA GLU A 317 -15.59 -17.85 6.44
C GLU A 317 -15.69 -17.64 7.94
N VAL A 318 -16.84 -17.13 8.40
CA VAL A 318 -16.96 -16.80 9.82
C VAL A 318 -17.06 -18.04 10.69
N ASN A 319 -17.70 -19.08 10.21
CA ASN A 319 -17.72 -20.33 10.95
C ASN A 319 -16.35 -20.97 10.95
N ALA A 320 -15.61 -20.85 9.85
CA ALA A 320 -14.28 -21.45 9.80
C ALA A 320 -13.34 -20.74 10.77
N LEU A 321 -13.53 -19.44 10.90
CA LEU A 321 -12.77 -18.61 11.80
C LEU A 321 -13.05 -18.99 13.25
N ASP A 322 -14.33 -19.20 13.55
CA ASP A 322 -14.74 -19.65 14.86
C ASP A 322 -14.14 -20.99 15.18
N SER A 323 -14.30 -21.91 14.24
CA SER A 323 -13.81 -23.27 14.37
C SER A 323 -12.30 -23.29 14.65
N ALA A 324 -11.58 -22.39 14.01
CA ALA A 324 -10.14 -22.28 14.15
C ALA A 324 -9.68 -21.73 15.49
N TYR A 325 -10.26 -20.61 15.92
CA TYR A 325 -9.86 -20.03 17.20
C TYR A 325 -10.22 -20.98 18.30
N ARG A 326 -11.31 -21.72 18.07
CA ARG A 326 -11.82 -22.67 19.06
C ARG A 326 -10.82 -23.79 19.20
N ALA A 327 -10.35 -24.28 18.05
CA ALA A 327 -9.33 -25.32 18.03
C ALA A 327 -8.05 -24.85 18.69
N LEU A 328 -7.75 -23.58 18.50
CA LEU A 328 -6.53 -23.01 19.03
C LEU A 328 -6.58 -22.95 20.54
N ARG A 329 -7.62 -22.31 21.08
CA ARG A 329 -7.81 -22.21 22.53
C ARG A 329 -7.65 -23.56 23.21
N THR A 330 -8.31 -24.56 22.65
CA THR A 330 -8.32 -25.91 23.22
C THR A 330 -6.93 -26.50 23.37
N ALA A 331 -6.09 -26.27 22.35
CA ALA A 331 -4.76 -26.85 22.33
C ALA A 331 -3.92 -26.47 23.54
N GLU A 332 -4.14 -25.26 24.05
CA GLU A 332 -3.33 -24.74 25.17
C GLU A 332 -4.01 -24.83 26.55
N GLY A 333 -5.15 -25.53 26.64
CA GLY A 333 -5.82 -25.73 27.90
C GLY A 333 -6.69 -24.56 28.34
N GLY A 334 -6.95 -23.64 27.43
CA GLY A 334 -7.84 -22.53 27.70
C GLY A 334 -9.29 -22.99 27.64
N PRO A 335 -10.20 -22.25 28.31
CA PRO A 335 -11.62 -22.59 28.35
C PRO A 335 -12.25 -22.60 26.95
N PRO A 336 -13.30 -23.43 26.74
CA PRO A 336 -13.84 -23.67 25.39
C PRO A 336 -14.26 -22.39 24.66
N HIS A 337 -14.95 -21.48 25.34
CA HIS A 337 -15.40 -20.25 24.70
C HIS A 337 -14.53 -19.04 25.05
N ALA A 338 -14.46 -18.08 24.14
CA ALA A 338 -13.65 -16.88 24.27
C ALA A 338 -13.96 -16.09 25.55
N ALA A 339 -12.98 -15.32 26.02
CA ALA A 339 -13.16 -14.45 27.18
C ALA A 339 -14.07 -13.26 26.84
N ARG A 340 -13.88 -12.69 25.66
CA ARG A 340 -14.74 -11.64 25.13
C ARG A 340 -14.79 -11.66 23.60
N PRO A 341 -15.87 -11.13 23.00
CA PRO A 341 -16.03 -11.23 21.55
C PRO A 341 -15.00 -10.43 20.75
N CYS A 342 -14.32 -11.11 19.84
CA CYS A 342 -13.37 -10.47 18.96
C CYS A 342 -14.12 -9.72 17.85
N ALA A 343 -13.65 -8.52 17.53
CA ALA A 343 -14.29 -7.69 16.51
C ALA A 343 -14.04 -8.19 15.08
N LEU A 344 -14.96 -7.89 14.19
CA LEU A 344 -14.95 -8.46 12.86
C LEU A 344 -15.37 -7.44 11.81
N GLY A 345 -14.75 -7.48 10.64
CA GLY A 345 -15.07 -6.49 9.63
C GLY A 345 -14.54 -6.72 8.23
N SER A 346 -14.80 -5.74 7.36
CA SER A 346 -14.41 -5.87 5.96
C SER A 346 -14.49 -4.57 5.18
N VAL A 347 -13.36 -4.15 4.64
CA VAL A 347 -13.27 -2.91 3.91
C VAL A 347 -14.04 -2.97 2.60
N LYS A 348 -14.28 -4.20 2.10
CA LYS A 348 -15.11 -4.37 0.90
C LYS A 348 -16.51 -3.72 0.95
N THR A 349 -17.03 -3.44 2.14
CA THR A 349 -18.33 -2.80 2.24
C THR A 349 -18.18 -1.31 1.92
N ASN A 350 -16.94 -0.83 2.01
CA ASN A 350 -16.65 0.57 1.73
C ASN A 350 -16.26 0.79 0.29
N ILE A 351 -15.42 -0.09 -0.22
CA ILE A 351 -14.71 0.14 -1.48
C ILE A 351 -14.94 -0.97 -2.47
N GLY A 352 -15.68 -1.98 -2.07
CA GLY A 352 -15.97 -3.08 -2.96
C GLY A 352 -14.84 -4.05 -2.94
N HIS A 353 -14.86 -4.98 -3.91
CA HIS A 353 -13.90 -6.07 -3.93
C HIS A 353 -12.78 -5.85 -4.95
N ALA A 354 -11.62 -5.40 -4.47
CA ALA A 354 -10.56 -4.95 -5.35
C ALA A 354 -9.71 -6.11 -5.91
N GLU A 355 -10.18 -7.33 -5.70
CA GLU A 355 -9.55 -8.50 -6.31
C GLU A 355 -8.06 -8.57 -6.01
N SER A 356 -7.21 -8.54 -7.02
CA SER A 356 -5.76 -8.63 -6.75
C SER A 356 -5.22 -7.66 -5.71
N ALA A 357 -5.91 -6.54 -5.51
CA ALA A 357 -5.43 -5.55 -4.57
C ALA A 357 -6.21 -5.66 -3.26
N ALA A 358 -7.17 -6.59 -3.25
CA ALA A 358 -8.11 -6.72 -2.14
C ALA A 358 -7.42 -7.03 -0.79
N GLY A 359 -6.44 -7.94 -0.85
CA GLY A 359 -5.71 -8.33 0.34
C GLY A 359 -5.06 -7.15 1.01
N LEU A 360 -4.29 -6.36 0.27
CA LEU A 360 -3.54 -5.30 0.91
C LEU A 360 -4.42 -4.16 1.35
N ALA A 361 -5.54 -3.94 0.66
CA ALA A 361 -6.52 -2.98 1.14
C ALA A 361 -6.91 -3.32 2.57
N GLY A 362 -7.16 -4.61 2.80
CA GLY A 362 -7.39 -5.16 4.11
C GLY A 362 -6.27 -4.83 5.07
N VAL A 363 -5.04 -5.13 4.69
CA VAL A 363 -3.90 -4.91 5.56
C VAL A 363 -3.80 -3.43 5.92
N LEU A 364 -3.84 -2.57 4.92
CA LEU A 364 -3.66 -1.15 5.16
C LEU A 364 -4.77 -0.59 6.03
N LYS A 365 -6.00 -1.07 5.84
CA LYS A 365 -7.08 -0.65 6.72
C LYS A 365 -6.75 -0.93 8.16
N VAL A 366 -6.18 -2.11 8.40
CA VAL A 366 -5.91 -2.55 9.76
C VAL A 366 -4.78 -1.71 10.35
N LEU A 367 -3.71 -1.53 9.59
CA LEU A 367 -2.58 -0.69 10.02
C LEU A 367 -3.00 0.75 10.29
N LEU A 368 -3.97 1.23 9.50
CA LEU A 368 -4.50 2.55 9.73
C LEU A 368 -5.33 2.59 11.01
N ALA A 369 -6.08 1.53 11.25
CA ALA A 369 -6.91 1.42 12.44
C ALA A 369 -6.03 1.37 13.66
N ARG A 371 -2.97 2.74 13.87
CA ARG A 371 -2.45 4.08 14.06
C ARG A 371 -3.39 4.92 14.94
N HIS A 372 -4.67 4.88 14.56
CA HIS A 372 -5.68 5.74 15.16
C HIS A 372 -6.45 5.07 16.29
N ARG A 373 -6.05 3.84 16.62
CA ARG A 373 -6.68 3.07 17.70
C ARG A 373 -8.20 3.11 17.62
N GLU A 374 -8.73 3.00 16.41
CA GLU A 374 -10.18 3.01 16.17
C GLU A 374 -10.60 1.91 15.19
N LEU A 375 -11.82 1.40 15.34
CA LEU A 375 -12.38 0.47 14.37
C LEU A 375 -13.58 1.12 13.66
N PRO A 376 -13.55 1.16 12.33
CA PRO A 376 -14.63 1.80 11.55
C PRO A 376 -15.86 0.90 11.36
N PRO A 377 -17.02 1.51 11.06
CA PRO A 377 -18.25 0.77 10.87
C PRO A 377 -18.27 -0.12 9.62
N ALA A 378 -18.96 -1.25 9.72
CA ALA A 378 -19.25 -2.06 8.54
C ALA A 378 -20.53 -1.51 7.94
N LEU A 379 -20.73 -1.73 6.65
CA LEU A 379 -21.82 -1.07 5.96
C LEU A 379 -22.84 -2.02 5.37
N HIS A 380 -24.03 -1.49 5.08
CA HIS A 380 -25.17 -2.27 4.59
C HIS A 380 -25.47 -3.46 5.46
N CYS A 381 -25.15 -3.35 6.73
CA CYS A 381 -25.11 -4.50 7.57
C CYS A 381 -26.09 -4.35 8.74
N ASP A 382 -27.20 -3.68 8.48
CA ASP A 382 -28.18 -3.42 9.53
C ASP A 382 -28.86 -4.70 10.00
N ARG A 383 -29.14 -5.59 9.06
CA ARG A 383 -29.74 -6.87 9.39
C ARG A 383 -28.72 -8.00 9.16
N LEU A 384 -28.22 -8.60 10.24
CA LEU A 384 -27.13 -9.57 10.12
C LEU A 384 -27.56 -10.86 9.41
N ASN A 385 -26.56 -11.62 8.96
CA ASN A 385 -26.79 -12.93 8.35
C ASN A 385 -27.19 -13.99 9.39
N PRO A 386 -28.22 -14.78 9.07
CA PRO A 386 -28.76 -15.81 9.98
C PRO A 386 -27.88 -17.04 10.16
N HIS A 387 -26.80 -17.18 9.40
CA HIS A 387 -25.94 -18.35 9.48
C HIS A 387 -24.62 -18.05 10.17
N LEU A 388 -24.45 -16.82 10.62
CA LEU A 388 -23.33 -16.50 11.46
C LEU A 388 -23.54 -17.21 12.79
N PRO A 389 -22.45 -17.52 13.49
CA PRO A 389 -22.55 -18.27 14.74
C PRO A 389 -23.32 -17.49 15.80
N LEU A 390 -24.13 -18.20 16.57
CA LEU A 390 -24.90 -17.61 17.65
C LEU A 390 -24.06 -17.57 18.92
N ASP A 391 -22.92 -18.26 18.88
CA ASP A 391 -22.10 -18.52 20.06
C ASP A 391 -21.37 -17.31 20.64
N GLY A 392 -21.55 -16.14 20.02
CA GLY A 392 -20.96 -14.90 20.52
C GLY A 392 -19.44 -14.82 20.50
N GLY A 393 -18.80 -15.53 19.57
CA GLY A 393 -17.35 -15.53 19.48
C GLY A 393 -16.82 -14.33 18.75
N PHE A 394 -17.63 -13.79 17.83
CA PHE A 394 -17.22 -12.71 16.95
C PHE A 394 -18.31 -11.66 16.76
N GLU A 395 -17.95 -10.40 16.93
CA GLU A 395 -18.89 -9.31 16.74
C GLU A 395 -18.57 -8.51 15.49
N VAL A 396 -19.58 -8.19 14.70
CA VAL A 396 -19.40 -7.29 13.58
C VAL A 396 -19.45 -5.86 14.10
N VAL A 397 -18.46 -5.05 13.73
CA VAL A 397 -18.41 -3.65 14.10
C VAL A 397 -19.25 -2.81 13.17
N ARG A 398 -20.43 -2.40 13.62
CA ARG A 398 -21.30 -1.60 12.77
C ARG A 398 -21.32 -0.16 13.28
N GLU A 399 -20.47 0.09 14.27
CA GLU A 399 -20.46 1.34 15.01
C GLU A 399 -19.02 1.78 15.26
N LEU A 400 -18.65 2.97 14.77
CA LEU A 400 -17.31 3.49 15.01
C LEU A 400 -16.92 3.46 16.48
N ARG A 401 -15.90 2.68 16.82
CA ARG A 401 -15.53 2.51 18.23
C ARG A 401 -14.05 2.68 18.47
N ARG A 402 -13.69 3.07 19.70
CA ARG A 402 -12.29 3.07 20.10
C ARG A 402 -11.80 1.63 20.10
N TRP A 403 -10.57 1.42 19.65
CA TRP A 403 -10.01 0.08 19.65
C TRP A 403 -9.18 -0.12 20.90
N GLU A 404 -9.75 -0.80 21.89
CA GLU A 404 -9.06 -1.04 23.14
C GLU A 404 -8.29 -2.35 23.00
N PRO A 405 -7.10 -2.46 23.64
CA PRO A 405 -6.27 -3.67 23.55
C PRO A 405 -6.87 -4.86 24.26
N CYS A 406 -6.57 -6.07 23.78
CA CYS A 406 -6.91 -7.27 24.51
C CYS A 406 -6.06 -7.30 25.77
N THR A 407 -6.40 -8.18 26.70
CA THR A 407 -5.60 -8.28 27.91
C THR A 407 -5.63 -9.68 28.55
N ASP A 408 -4.42 -10.10 28.91
CA ASP A 408 -4.09 -11.35 29.61
C ASP A 408 -4.95 -11.68 30.87
N ALA A 409 -4.70 -12.85 31.47
CA ALA A 409 -5.38 -13.24 32.71
C ALA A 409 -4.88 -12.44 33.90
N THR A 410 -3.56 -12.27 33.99
CA THR A 410 -2.94 -11.47 35.05
C THR A 410 -3.33 -10.00 34.86
N GLY A 411 -3.64 -9.63 33.63
CA GLY A 411 -4.09 -8.29 33.33
C GLY A 411 -3.15 -7.55 32.38
N ARG A 412 -2.07 -8.21 32.01
CA ARG A 412 -1.10 -7.64 31.05
C ARG A 412 -1.81 -7.35 29.72
N PRO A 413 -1.61 -6.14 29.18
CA PRO A 413 -2.16 -5.87 27.84
C PRO A 413 -1.19 -6.18 26.67
N TRP A 414 -1.63 -7.02 25.73
CA TRP A 414 -0.90 -7.22 24.48
C TRP A 414 -0.91 -5.95 23.66
N PRO A 415 0.03 -5.84 22.71
CA PRO A 415 -0.14 -4.85 21.64
C PRO A 415 -1.39 -5.20 20.85
N LEU A 416 -1.99 -4.21 20.20
CA LEU A 416 -3.11 -4.49 19.31
C LEU A 416 -2.70 -5.52 18.28
N ARG A 417 -3.54 -6.52 18.04
CA ARG A 417 -3.26 -7.54 17.01
C ARG A 417 -4.48 -7.78 16.15
N ALA A 418 -4.28 -8.25 14.94
CA ALA A 418 -5.40 -8.48 14.06
C ALA A 418 -5.07 -9.51 12.99
N GLY A 419 -6.11 -10.12 12.45
CA GLY A 419 -5.94 -11.09 11.39
C GLY A 419 -6.51 -10.56 10.12
N VAL A 420 -5.90 -10.88 8.99
CA VAL A 420 -6.48 -10.57 7.69
C VAL A 420 -6.52 -11.81 6.83
N SER A 421 -7.70 -12.06 6.24
CA SER A 421 -7.86 -13.17 5.31
C SER A 421 -8.05 -12.68 3.88
N SER A 422 -7.74 -13.55 2.93
CA SER A 422 -7.91 -13.27 1.52
C SER A 422 -7.99 -14.58 0.76
N PHE A 423 -9.10 -14.82 0.10
CA PHE A 423 -9.38 -16.10 -0.53
C PHE A 423 -9.60 -15.97 -2.03
N GLY A 424 -8.72 -16.54 -2.85
CA GLY A 424 -8.90 -16.48 -4.30
C GLY A 424 -10.06 -17.33 -4.76
N PHE A 425 -10.70 -16.97 -5.88
N PHE A 425 -10.71 -16.89 -5.85
CA PHE A 425 -11.88 -17.73 -6.31
CA PHE A 425 -11.78 -17.62 -6.53
C PHE A 425 -11.47 -19.06 -6.94
C PHE A 425 -11.42 -19.08 -6.66
N GLY A 426 -10.18 -19.31 -7.05
CA GLY A 426 -9.70 -20.62 -7.41
C GLY A 426 -9.33 -21.55 -6.27
N GLY A 427 -9.37 -21.04 -5.04
CA GLY A 427 -9.10 -21.88 -3.89
C GLY A 427 -7.77 -21.60 -3.22
N ALA A 428 -7.08 -20.55 -3.66
CA ALA A 428 -5.80 -20.19 -3.04
C ALA A 428 -6.02 -19.17 -1.92
N ASN A 429 -5.63 -19.53 -0.70
CA ASN A 429 -5.94 -18.73 0.47
C ASN A 429 -4.71 -18.30 1.22
N ALA A 430 -4.75 -17.08 1.73
CA ALA A 430 -3.67 -16.58 2.56
C ALA A 430 -4.28 -15.86 3.71
N HIS A 431 -3.53 -15.84 4.81
CA HIS A 431 -3.97 -15.23 6.04
C HIS A 431 -2.78 -14.67 6.71
N VAL A 432 -2.90 -13.44 7.20
CA VAL A 432 -1.79 -12.75 7.84
C VAL A 432 -2.18 -12.33 9.25
N VAL A 433 -1.29 -12.48 10.22
CA VAL A 433 -1.53 -11.90 11.55
C VAL A 433 -0.60 -10.71 11.84
N LEU A 434 -1.20 -9.55 12.05
CA LEU A 434 -0.45 -8.31 12.25
C LEU A 434 -0.41 -7.89 13.72
N GLU A 435 0.61 -7.13 14.09
CA GLU A 435 0.72 -6.65 15.45
C GLU A 435 1.13 -5.17 15.42
N ALA A 436 0.67 -4.39 16.38
CA ALA A 436 0.95 -2.96 16.41
C ALA A 436 2.44 -2.68 16.55
N PRO A 437 2.91 -1.56 15.98
CA PRO A 437 4.33 -1.26 16.07
C PRO A 437 4.75 -1.00 17.49
N PRO A 438 6.00 -1.36 17.82
CA PRO A 438 6.58 -1.07 19.13
C PRO A 438 6.65 0.43 19.34
N VAL A 439 6.54 0.81 20.61
CA VAL A 439 6.71 2.17 21.04
C VAL A 439 8.14 2.62 20.83
N PRO A 440 8.34 3.65 20.01
CA PRO A 440 9.69 4.19 19.81
C PRO A 440 10.18 4.83 21.10
N PRO A 441 11.42 4.52 21.52
CA PRO A 441 11.99 5.04 22.76
C PRO A 441 12.14 6.58 22.79
N ALA A 442 12.54 7.13 23.94
CA ALA A 442 12.69 8.58 24.09
C ALA A 442 14.01 9.09 23.49
N ALA A 451 21.37 22.26 16.73
CA ALA A 451 22.28 22.11 15.60
C ALA A 451 21.63 22.52 14.28
N PRO A 452 22.35 23.29 13.44
CA PRO A 452 21.81 23.65 12.13
C PRO A 452 21.72 22.43 11.21
N GLN A 453 20.68 22.38 10.39
CA GLN A 453 20.52 21.26 9.48
C GLN A 453 20.28 21.70 8.05
N ALA A 454 20.68 20.85 7.11
CA ALA A 454 20.60 21.12 5.69
C ALA A 454 19.32 20.62 5.07
N ILE A 455 18.50 21.52 4.55
CA ILE A 455 17.26 21.11 3.91
C ILE A 455 17.39 21.04 2.40
N VAL A 456 16.98 19.91 1.85
CA VAL A 456 17.37 19.57 0.51
C VAL A 456 16.15 18.99 -0.23
N LEU A 457 15.77 19.64 -1.32
CA LEU A 457 14.67 19.14 -2.12
C LEU A 457 15.11 18.95 -3.56
N SER A 458 14.31 18.22 -4.33
CA SER A 458 14.57 18.02 -5.76
C SER A 458 13.39 17.40 -6.46
N ALA A 459 13.28 17.73 -7.76
CA ALA A 459 12.35 17.11 -8.70
C ALA A 459 12.94 17.06 -10.13
N ARG A 460 12.12 16.65 -11.10
CA ARG A 460 12.52 16.56 -12.51
C ARG A 460 12.44 17.93 -13.19
N ASP A 461 11.32 18.61 -13.02
CA ASP A 461 11.09 19.92 -13.60
C ASP A 461 11.17 20.96 -12.51
N ASP A 462 11.35 22.22 -12.88
CA ASP A 462 11.22 23.31 -11.94
C ASP A 462 9.78 23.40 -11.45
N ASP A 463 8.86 23.08 -12.35
CA ASP A 463 7.43 23.08 -12.02
C ASP A 463 7.11 22.07 -10.92
N ARG A 464 7.76 20.90 -11.00
CA ARG A 464 7.57 19.84 -10.03
C ARG A 464 8.29 20.16 -8.72
N LEU A 465 9.27 21.07 -8.79
CA LEU A 465 10.02 21.46 -7.60
C LEU A 465 9.20 22.40 -6.74
N ARG A 466 8.62 23.41 -7.39
CA ARG A 466 7.68 24.32 -6.74
C ARG A 466 6.56 23.50 -6.13
N ALA A 467 6.13 22.47 -6.86
CA ALA A 467 5.10 21.56 -6.39
C ALA A 467 5.54 20.88 -5.09
N THR A 468 6.68 20.19 -5.12
CA THR A 468 7.20 19.52 -3.92
C THR A 468 7.32 20.50 -2.74
N ALA A 469 7.89 21.67 -2.99
CA ALA A 469 8.06 22.66 -1.93
C ALA A 469 6.73 23.11 -1.34
N GLY A 470 5.77 23.39 -2.22
CA GLY A 470 4.44 23.76 -1.81
C GLY A 470 3.78 22.74 -0.90
N ARG A 471 3.70 21.49 -1.34
CA ARG A 471 3.06 20.46 -0.54
C ARG A 471 3.81 20.22 0.76
N LEU A 472 5.12 20.46 0.76
CA LEU A 472 5.89 20.32 2.00
C LEU A 472 5.54 21.44 2.98
N ARG A 473 5.45 22.67 2.49
CA ARG A 473 5.00 23.77 3.34
C ARG A 473 3.68 23.41 3.99
N ASP A 474 2.70 23.09 3.16
CA ASP A 474 1.35 22.77 3.61
C ASP A 474 1.31 21.65 4.65
N PHE A 475 1.94 20.51 4.38
CA PHE A 475 1.99 19.42 5.34
C PHE A 475 2.66 19.84 6.65
N LEU A 476 3.73 20.61 6.55
CA LEU A 476 4.54 20.92 7.73
C LEU A 476 3.79 21.78 8.72
N ASP A 477 2.87 22.63 8.27
CA ASP A 477 2.24 23.53 9.22
C ASP A 477 0.91 22.98 9.74
N ARG A 478 0.23 22.14 8.97
CA ARG A 478 -0.94 21.48 9.52
C ARG A 478 -0.46 20.50 10.58
N ALA A 479 0.83 20.21 10.57
CA ALA A 479 1.46 19.36 11.56
C ALA A 479 2.04 20.22 12.68
N ARG A 480 1.74 21.50 12.67
CA ARG A 480 2.05 22.32 13.84
C ARG A 480 0.80 22.94 14.40
N ARG A 481 -0.16 23.23 13.52
CA ARG A 481 -1.50 23.63 13.95
C ARG A 481 -2.16 22.48 14.72
N ASP A 482 -1.55 21.29 14.62
CA ASP A 482 -1.99 20.12 15.37
C ASP A 482 -0.86 19.56 16.27
N GLY A 483 0.33 20.17 16.18
CA GLY A 483 1.44 19.83 17.06
C GLY A 483 2.21 18.56 16.73
N HIS A 484 1.90 17.95 15.58
CA HIS A 484 2.54 16.71 15.16
C HIS A 484 3.80 16.98 14.34
N ALA A 485 4.49 18.06 14.66
CA ALA A 485 5.63 18.47 13.83
C ALA A 485 6.77 17.49 13.95
N PRO A 486 7.41 17.20 12.81
CA PRO A 486 8.60 16.35 12.87
C PRO A 486 9.69 17.08 13.58
N ASP A 487 10.55 16.32 14.25
CA ASP A 487 11.81 16.82 14.72
C ASP A 487 12.59 17.32 13.51
N LEU A 488 13.36 18.38 13.68
CA LEU A 488 13.98 19.04 12.55
C LEU A 488 15.06 18.17 11.89
N ALA A 489 16.04 17.72 12.67
CA ALA A 489 17.11 16.89 12.11
C ALA A 489 16.55 15.61 11.51
N ASP A 490 15.42 15.15 12.02
CA ASP A 490 14.77 13.96 11.50
C ASP A 490 14.13 14.25 10.15
N LEU A 491 13.57 15.45 10.05
CA LEU A 491 12.96 15.94 8.81
C LEU A 491 14.04 16.09 7.76
N ALA A 492 15.14 16.72 8.18
CA ALA A 492 16.26 16.97 7.29
C ALA A 492 16.91 15.66 6.89
N PHE A 493 17.13 14.79 7.87
CA PHE A 493 17.62 13.44 7.60
C PHE A 493 16.84 12.71 6.52
N THR A 494 15.52 12.80 6.57
CA THR A 494 14.68 12.04 5.67
C THR A 494 14.70 12.63 4.27
N LEU A 495 14.80 13.96 4.18
CA LEU A 495 14.82 14.61 2.88
C LEU A 495 16.16 14.33 2.21
N GLN A 496 17.13 13.95 3.03
CA GLN A 496 18.48 13.76 2.56
C GLN A 496 18.68 12.39 2.00
N VAL A 497 18.31 11.40 2.79
CA VAL A 497 18.57 10.01 2.46
C VAL A 497 17.30 9.28 1.96
N GLY A 498 16.12 9.85 2.25
CA GLY A 498 14.89 9.19 1.90
C GLY A 498 14.41 9.60 0.53
N ARG A 499 15.16 10.46 -0.14
CA ARG A 499 14.74 10.97 -1.43
C ARG A 499 15.82 10.81 -2.48
N GLU A 500 15.41 10.35 -3.66
CA GLU A 500 16.31 10.37 -4.80
C GLU A 500 16.67 11.81 -5.11
N ALA A 501 17.97 12.07 -5.28
CA ALA A 501 18.46 13.37 -5.68
C ALA A 501 18.29 13.54 -7.19
N GLU A 503 17.02 15.90 -10.90
CA GLU A 503 17.65 16.79 -11.87
C GLU A 503 17.65 18.22 -11.37
N ARG A 504 16.48 18.74 -11.04
CA ARG A 504 16.37 20.12 -10.52
C ARG A 504 16.43 20.08 -9.00
N ARG A 505 17.28 20.91 -8.41
CA ARG A 505 17.53 20.84 -6.96
C ARG A 505 17.31 22.18 -6.24
N LEU A 506 16.74 22.10 -5.04
CA LEU A 506 16.64 23.20 -4.07
C LEU A 506 17.36 22.84 -2.78
N GLY A 507 18.09 23.78 -2.19
CA GLY A 507 18.73 23.55 -0.90
C GLY A 507 18.91 24.81 -0.07
N PHE A 508 18.88 24.66 1.26
CA PHE A 508 19.14 25.77 2.17
C PHE A 508 19.42 25.27 3.57
N VAL A 509 19.76 26.16 4.50
CA VAL A 509 20.14 25.77 5.86
C VAL A 509 19.34 26.51 6.94
N VAL A 510 18.75 25.75 7.86
CA VAL A 510 17.91 26.32 8.92
C VAL A 510 18.45 25.98 10.30
N GLY A 511 17.94 26.72 11.29
CA GLY A 511 18.22 26.43 12.68
C GLY A 511 16.96 26.10 13.43
N SER A 512 15.82 26.44 12.84
CA SER A 512 14.50 26.21 13.43
C SER A 512 13.55 25.84 12.33
N ASP A 514 10.38 27.42 11.63
CA ASP A 514 9.75 28.52 10.92
C ASP A 514 10.75 29.14 9.98
N ASP A 515 12.03 28.86 10.23
CA ASP A 515 13.07 29.16 9.26
C ASP A 515 12.77 28.34 8.01
N VAL A 516 12.39 27.08 8.24
CA VAL A 516 12.01 26.17 7.18
C VAL A 516 10.74 26.66 6.48
N LEU A 517 9.65 26.73 7.23
CA LEU A 517 8.37 27.15 6.67
C LEU A 517 8.40 28.50 5.94
N GLY A 518 9.20 29.42 6.43
CA GLY A 518 9.31 30.72 5.79
C GLY A 518 10.04 30.62 4.47
N THR A 519 11.13 29.86 4.45
CA THR A 519 11.95 29.76 3.25
C THR A 519 11.19 29.08 2.11
N LEU A 520 10.36 28.09 2.45
CA LEU A 520 9.46 27.41 1.50
C LEU A 520 8.35 28.32 0.93
N ASP A 521 7.75 29.12 1.80
CA ASP A 521 6.70 30.06 1.39
C ASP A 521 7.20 31.08 0.37
N ARG A 522 8.43 31.54 0.55
CA ARG A 522 9.02 32.54 -0.34
C ARG A 522 9.44 31.97 -1.70
N PHE A 523 9.91 30.72 -1.70
CA PHE A 523 10.32 30.06 -2.93
C PHE A 523 9.10 29.72 -3.77
N PHE A 524 8.06 29.26 -3.10
CA PHE A 524 6.80 28.94 -3.77
C PHE A 524 6.18 30.16 -4.43
N ALA A 525 6.18 31.26 -3.69
CA ALA A 525 5.64 32.52 -4.16
C ALA A 525 6.47 33.12 -5.28
N GLY A 526 7.64 32.51 -5.54
CA GLY A 526 8.44 32.83 -6.71
C GLY A 526 9.42 33.97 -6.52
N ASP A 527 9.76 34.26 -5.27
CA ASP A 527 10.75 35.28 -4.96
C ASP A 527 12.10 34.89 -5.55
N GLU A 528 12.95 35.89 -5.78
CA GLU A 528 14.34 35.61 -6.11
C GLU A 528 15.01 35.25 -4.78
N PRO A 529 16.01 34.35 -4.82
CA PRO A 529 16.55 33.81 -3.58
C PRO A 529 17.03 34.85 -2.58
N SER A 530 16.75 34.53 -1.32
CA SER A 530 17.30 35.23 -0.18
C SER A 530 17.73 34.18 0.84
N GLY A 531 18.91 33.60 0.61
CA GLY A 531 19.46 32.60 1.50
C GLY A 531 19.08 31.16 1.16
N TRP A 532 18.51 30.96 -0.03
CA TRP A 532 18.33 29.61 -0.54
C TRP A 532 19.02 29.48 -1.89
N HIS A 533 19.27 28.25 -2.29
CA HIS A 533 20.03 27.98 -3.51
C HIS A 533 19.19 27.19 -4.52
N THR A 534 19.60 27.21 -5.79
CA THR A 534 18.89 26.50 -6.86
C THR A 534 19.90 25.84 -7.79
N GLY A 535 19.59 24.63 -8.25
CA GLY A 535 20.51 23.93 -9.12
C GLY A 535 19.88 22.94 -10.07
N GLY A 536 20.69 22.40 -10.98
CA GLY A 536 20.18 21.47 -11.97
C GLY A 536 21.17 20.53 -12.61
N ILE A 537 20.64 19.52 -13.30
CA ILE A 537 21.37 18.60 -14.17
C ILE A 537 20.34 18.04 -15.14
N ARG A 538 20.74 17.07 -15.98
CA ARG A 538 19.81 16.05 -16.48
C ARG A 538 20.63 14.93 -17.12
N ARG A 539 20.00 13.75 -17.27
CA ARG A 539 20.62 12.51 -17.73
C ARG A 539 21.57 11.95 -16.68
N GLY A 544 22.93 3.92 -13.88
CA GLY A 544 22.51 3.02 -12.82
C GLY A 544 22.36 3.72 -11.47
N VAL A 545 22.10 2.94 -10.41
CA VAL A 545 22.00 3.48 -9.06
C VAL A 545 23.27 3.24 -8.24
N ARG A 546 23.97 4.31 -7.89
CA ARG A 546 25.19 4.21 -7.09
C ARG A 546 24.89 4.15 -5.59
N ARG A 547 24.88 2.93 -5.05
CA ARG A 547 24.69 2.72 -3.62
C ARG A 547 26.01 2.86 -2.87
N GLU A 548 27.07 3.11 -3.62
CA GLU A 548 28.38 3.36 -3.03
C GLU A 548 28.40 4.73 -2.36
N ALA A 549 29.24 4.86 -1.34
CA ALA A 549 29.36 6.13 -0.64
C ALA A 549 30.52 6.94 -1.21
N GLU A 550 30.20 7.89 -2.07
CA GLU A 550 31.22 8.81 -2.59
C GLU A 550 30.95 10.23 -2.12
N GLN A 551 32.01 11.02 -2.00
CA GLN A 551 31.84 12.39 -1.54
C GLN A 551 32.92 13.30 -2.11
N ALA A 552 32.46 14.30 -2.86
CA ALA A 552 33.34 15.24 -3.57
C ALA A 552 34.35 15.89 -2.63
N PRO A 553 35.59 16.07 -3.11
CA PRO A 553 36.70 16.52 -2.25
C PRO A 553 36.39 17.85 -1.57
N GLU A 554 35.72 18.74 -2.29
CA GLU A 554 35.42 20.05 -1.72
C GLU A 554 34.36 19.95 -0.63
N VAL A 555 33.29 19.20 -0.90
CA VAL A 555 32.25 18.97 0.09
C VAL A 555 32.85 18.40 1.37
N THR A 556 33.84 17.52 1.21
CA THR A 556 34.44 16.80 2.35
C THR A 556 35.01 17.73 3.38
N ARG A 557 35.61 18.83 2.93
CA ARG A 557 36.26 19.74 3.84
C ARG A 557 35.41 20.99 4.07
N ALA A 558 34.41 21.21 3.23
CA ALA A 558 33.38 22.20 3.55
C ALA A 558 32.67 21.80 4.83
N LEU A 559 32.42 20.50 4.95
CA LEU A 559 31.84 19.92 6.15
C LEU A 559 32.81 20.01 7.31
N HIS A 560 34.10 19.94 7.00
CA HIS A 560 35.14 20.02 8.01
C HIS A 560 35.02 21.35 8.74
N ASP A 561 34.67 22.38 7.97
CA ASP A 561 34.55 23.76 8.49
C ASP A 561 33.25 24.02 9.23
N GLY A 562 32.17 23.42 8.75
CA GLY A 562 30.86 23.71 9.29
C GLY A 562 30.12 24.68 8.40
N ARG A 563 30.59 24.81 7.16
CA ARG A 563 29.93 25.66 6.18
C ARG A 563 28.86 24.87 5.41
N LEU A 564 27.81 24.50 6.14
CA LEU A 564 26.66 23.76 5.61
C LEU A 564 26.12 24.29 4.29
N ASP A 565 25.98 25.62 4.22
CA ASP A 565 25.31 26.28 3.11
C ASP A 565 26.07 26.01 1.81
N ARG A 566 27.39 26.03 1.91
CA ARG A 566 28.22 25.78 0.75
C ARG A 566 28.02 24.34 0.27
N VAL A 567 27.98 23.40 1.21
CA VAL A 567 27.66 22.02 0.86
C VAL A 567 26.37 21.97 0.07
N THR A 568 25.31 22.52 0.69
CA THR A 568 24.00 22.66 0.08
C THR A 568 24.04 23.21 -1.36
N ALA A 569 24.78 24.31 -1.57
CA ALA A 569 24.86 24.92 -2.88
C ALA A 569 25.71 24.08 -3.85
N LEU A 570 26.71 23.37 -3.33
CA LEU A 570 27.48 22.44 -4.15
C LEU A 570 26.60 21.28 -4.59
N TRP A 571 25.82 20.75 -3.65
CA TRP A 571 24.94 19.64 -3.91
C TRP A 571 23.95 19.98 -5.01
N CYS A 572 23.64 21.27 -5.16
CA CYS A 572 22.66 21.70 -6.18
C CYS A 572 23.18 21.65 -7.62
N ASP A 573 24.48 21.90 -7.80
CA ASP A 573 25.06 21.80 -9.13
C ASP A 573 25.73 20.45 -9.33
N GLY A 574 25.40 19.50 -8.45
CA GLY A 574 25.72 18.10 -8.69
C GLY A 574 26.82 17.47 -7.86
N ALA A 575 27.23 18.13 -6.77
CA ALA A 575 28.30 17.59 -5.94
C ALA A 575 27.80 16.41 -5.13
N PRO A 576 28.47 15.25 -5.25
CA PRO A 576 28.03 14.08 -4.48
C PRO A 576 28.27 14.25 -2.98
N VAL A 577 27.26 13.93 -2.18
CA VAL A 577 27.33 14.08 -0.74
C VAL A 577 27.02 12.74 -0.05
N ASP A 578 27.66 12.51 1.08
CA ASP A 578 27.46 11.28 1.84
C ASP A 578 26.68 11.59 3.11
N TRP A 579 25.39 11.82 2.96
CA TRP A 579 24.62 12.33 4.07
C TRP A 579 24.59 11.43 5.31
N GLN A 580 24.69 10.12 5.15
CA GLN A 580 24.57 9.26 6.32
C GLN A 580 25.85 9.27 7.15
N ALA A 581 26.88 9.88 6.59
CA ALA A 581 28.15 10.01 7.27
C ALA A 581 28.11 11.10 8.34
N HIS A 583 25.37 12.21 10.30
CA HIS A 583 24.56 11.98 11.48
C HIS A 583 25.14 10.87 12.35
N PRO A 584 24.89 10.92 13.66
CA PRO A 584 25.22 9.80 14.53
C PRO A 584 24.52 8.57 14.00
N THR A 585 25.27 7.55 13.58
CA THR A 585 24.65 6.47 12.82
C THR A 585 23.57 5.73 13.63
N GLY A 586 23.59 5.92 14.95
CA GLY A 586 22.57 5.37 15.81
C GLY A 586 21.31 6.21 15.90
N GLU A 587 21.49 7.53 16.02
CA GLU A 587 20.43 8.47 16.42
C GLU A 587 19.20 8.62 15.50
N ARG A 588 19.40 9.06 14.26
CA ARG A 588 18.28 9.57 13.45
C ARG A 588 17.11 8.61 13.23
N ARG A 589 15.91 9.20 13.16
CA ARG A 589 14.67 8.47 12.88
C ARG A 589 13.95 9.02 11.63
N ALA A 590 13.37 8.14 10.84
CA ALA A 590 12.68 8.53 9.60
C ALA A 590 11.31 9.15 9.88
N VAL A 591 10.81 9.91 8.89
CA VAL A 591 9.61 10.73 9.03
C VAL A 591 8.70 10.67 7.79
N ARG A 592 7.41 10.52 8.00
N ARG A 592 7.41 10.48 8.01
CA ARG A 592 6.48 10.38 6.88
CA ARG A 592 6.45 10.41 6.91
C ARG A 592 6.09 11.75 6.32
C ARG A 592 6.16 11.80 6.36
N LEU A 593 6.63 12.06 5.14
CA LEU A 593 6.38 13.35 4.47
C LEU A 593 5.56 13.09 3.21
N PRO A 594 5.13 14.15 2.50
CA PRO A 594 4.34 13.81 1.30
C PRO A 594 5.22 13.25 0.19
N ALA A 595 4.64 12.41 -0.68
CA ALA A 595 5.41 11.82 -1.77
C ALA A 595 5.49 12.75 -3.00
N TYR A 596 6.26 12.32 -4.00
CA TYR A 596 6.46 13.07 -5.23
C TYR A 596 5.13 13.39 -5.94
N PRO A 597 4.95 14.65 -6.37
CA PRO A 597 3.75 15.06 -7.09
C PRO A 597 3.75 14.68 -8.59
N PHE A 598 3.66 13.39 -8.88
CA PHE A 598 3.74 12.93 -10.26
C PHE A 598 2.84 13.73 -11.18
N ALA A 599 3.37 14.11 -12.35
CA ALA A 599 2.59 14.81 -13.38
C ALA A 599 1.35 14.02 -13.82
N CYS A 600 0.31 14.73 -14.20
CA CYS A 600 -0.97 14.13 -14.59
C CYS A 600 -1.14 14.12 -16.11
N ASP A 601 -0.15 13.56 -16.81
CA ASP A 601 -0.21 13.48 -18.26
C ASP A 601 -1.13 12.33 -18.66
N ARG A 602 -1.87 12.50 -19.74
CA ARG A 602 -2.80 11.45 -20.19
C ARG A 602 -2.17 10.47 -21.18
N TYR A 603 -2.17 9.18 -20.82
CA TYR A 603 -1.70 8.14 -21.74
C TYR A 603 -2.75 7.06 -21.87
N TRP A 604 -3.47 7.07 -22.99
CA TRP A 604 -4.50 6.08 -23.23
C TRP A 604 -4.26 5.36 -24.57
N VAL A 605 -5.28 4.65 -25.03
CA VAL A 605 -5.21 3.89 -26.26
C VAL A 605 -4.95 4.82 -27.45
N PRO A 606 -3.92 4.49 -28.26
CA PRO A 606 -3.55 5.27 -29.44
C PRO A 606 -4.56 5.17 -30.58
N ALA A 607 -4.47 6.09 -31.52
CA ALA A 607 -5.39 6.15 -32.65
C ALA A 607 -4.80 5.48 -33.87
#